data_3HAY
#
_entry.id   3HAY
#
_cell.length_a   189.518
_cell.length_b   189.518
_cell.length_c   279.045
_cell.angle_alpha   90.00
_cell.angle_beta   90.00
_cell.angle_gamma   120.00
#
_symmetry.space_group_name_H-M   'P 64 2 2'
#
loop_
_entity.id
_entity.type
_entity.pdbx_description
1 polymer 'Probable tRNA pseudouridine synthase B'
2 polymer 'Small nucleolar rnp gar1-like protein'
3 polymer 'Ribosome biogenesis protein Nop10'
4 polymer '50S ribosomal protein L7Ae'
5 polymer 'H/ACA RNA'
6 polymer "5'-R(*AP*UP*AP*AP*UP*UP*(FHU)P*GP*AP*CP*UP*CP*AP*A)-3'"
7 non-polymer 'ZINC ION'
#
loop_
_entity_poly.entity_id
_entity_poly.type
_entity_poly.pdbx_seq_one_letter_code
_entity_poly.pdbx_strand_id
1 'polypeptide(L)'
;MARDEVRRILPADIKREVLIKDENAETNPDWGFPPEKRPIEMHIQFGVINLDKPPGPTSHEVVAWIKKILNLEKAGHGGT
LDPKVSGVLPVALEKATRVVQALLPAGKEYVALMHLHGDVPEDKIIQVMKEFEGEIIQRPPLRSAVKRRLRTRKVYYIEV
LEIEGRDVLFRVGVEAGTYIRSLIHHIGLALGVGAHMSELRRTRSGPFKEDETLITLHDLVDYYYFWKEDGIEEYFRKAI
QPMEKAVEHLPKVWIKDSAVAAVTHGADLAVPGIAKLHAGIKRGDLVAIMTLKDELVALGKAMMTSQEMLEKTKGIAVDV
EKVFMPRDWYPKLWEKRDRSHHHHHH
;
A
2 'polypeptide(L)'
;MEKQGEKMKRLGKVLHYAKQGFLIVRTNWVPSLNDRVVDKRLQFVGIVKDVFGPVKMPYVAIKPKVSNPEIYVGEVLYVD
ERKRKESPKKNKEKRMKKKKRLNR
;
B
3 'polypeptide(L)' MKFRIRKCPKCGRYTLKEVCPVCGEKTKVAHPPRFSPEDPYGEYRRRWKREVLGIGRKEK C
4 'polypeptide(L)'
;MAAKPSYVKFEVPKELAEKALQAVEIARDTGKIRKGTNETTKAVERGQAKLVIIAEDVDPEEIVAHLPPLCEEKEIPYIY
VPSKKELGAAAGIEVAAASVAIIEPGKARDLVEEIAMKVKELMKHHHHHH
;
D
5 'polyribonucleotide' GGCUGCCUGGGUCCGCCUUGAGUGCCCGGGUGAGAAGCAUGAUCCCGGGUAAUUAUGGCGGACCCACAGAU E
6 'polyribonucleotide' AUAAUU(FHU)GACUCAA F
#
loop_
_chem_comp.id
_chem_comp.type
_chem_comp.name
_chem_comp.formula
A RNA linking ADENOSINE-5'-MONOPHOSPHATE 'C10 H14 N5 O7 P'
C RNA linking CYTIDINE-5'-MONOPHOSPHATE 'C9 H14 N3 O8 P'
FHU RNA linking (5S,6R)-5-FLUORO-6-HYDROXY-PSEUDOURIDINE-5'-MONOPHOSPHATE 'C9 H14 F N2 O10 P'
G RNA linking GUANOSINE-5'-MONOPHOSPHATE 'C10 H14 N5 O8 P'
U RNA linking URIDINE-5'-MONOPHOSPHATE 'C9 H13 N2 O9 P'
ZN non-polymer 'ZINC ION' 'Zn 2'
#
# COMPACT_ATOMS: atom_id res chain seq x y z
N ARG A 8 16.68 -9.94 3.01
CA ARG A 8 15.79 -10.04 1.80
C ARG A 8 14.42 -10.64 2.14
N ILE A 9 14.29 -11.20 3.34
CA ILE A 9 13.08 -11.94 3.74
C ILE A 9 12.53 -11.54 5.12
N LEU A 10 11.34 -12.05 5.43
CA LEU A 10 10.65 -11.75 6.69
C LEU A 10 10.38 -13.03 7.49
N PRO A 11 9.99 -12.90 8.77
CA PRO A 11 9.51 -14.06 9.55
C PRO A 11 8.24 -14.68 8.97
N ALA A 12 7.51 -13.91 8.17
CA ALA A 12 6.34 -14.41 7.44
C ALA A 12 6.73 -15.23 6.22
N ASP A 13 7.91 -14.94 5.67
CA ASP A 13 8.45 -15.66 4.51
C ASP A 13 8.88 -17.09 4.85
N ILE A 14 9.45 -17.25 6.04
CA ILE A 14 9.96 -18.55 6.50
C ILE A 14 8.88 -19.63 6.41
N LYS A 15 9.03 -20.52 5.42
CA LYS A 15 8.09 -21.62 5.21
C LYS A 15 8.41 -22.79 6.13
N ARG A 16 7.37 -23.27 6.82
CA ARG A 16 7.49 -24.39 7.75
C ARG A 16 7.50 -25.72 6.97
N GLU A 17 6.93 -26.75 7.57
CA GLU A 17 6.72 -28.04 6.91
C GLU A 17 5.64 -28.86 7.60
N VAL A 18 4.79 -29.49 6.79
CA VAL A 18 3.69 -30.33 7.29
C VAL A 18 4.24 -31.66 7.82
N LEU A 19 3.92 -31.96 9.08
CA LEU A 19 4.34 -33.22 9.71
C LEU A 19 3.15 -34.16 9.87
N ILE A 20 3.41 -35.47 9.74
CA ILE A 20 2.34 -36.46 9.69
C ILE A 20 2.27 -37.34 10.95
N LYS A 21 1.27 -37.08 11.79
CA LYS A 21 0.97 -37.94 12.94
C LYS A 21 0.03 -39.06 12.52
N ASP A 22 -0.75 -38.81 11.46
CA ASP A 22 -1.69 -39.79 10.92
C ASP A 22 -1.81 -39.64 9.40
N GLU A 23 -1.54 -40.71 8.67
CA GLU A 23 -1.55 -40.69 7.20
C GLU A 23 -2.89 -41.14 6.62
N ASN A 24 -3.62 -41.95 7.37
CA ASN A 24 -4.82 -42.63 6.87
C ASN A 24 -6.14 -41.91 7.13
N ALA A 25 -6.09 -40.84 7.94
CA ALA A 25 -7.26 -40.02 8.21
C ALA A 25 -7.65 -39.23 6.96
N GLU A 26 -8.77 -39.61 6.37
CA GLU A 26 -9.23 -39.06 5.08
C GLU A 26 -10.39 -38.06 5.23
N THR A 27 -10.56 -37.22 4.21
CA THR A 27 -11.60 -36.18 4.20
C THR A 27 -12.84 -36.59 3.40
N ASN A 28 -14.01 -36.20 3.90
CA ASN A 28 -15.28 -36.49 3.23
C ASN A 28 -15.79 -35.26 2.46
N PRO A 29 -15.93 -35.40 1.12
CA PRO A 29 -16.21 -34.28 0.22
C PRO A 29 -17.62 -33.68 0.30
N ASP A 30 -18.52 -34.36 1.00
CA ASP A 30 -19.94 -33.96 1.03
C ASP A 30 -20.29 -32.94 2.10
N TRP A 31 -19.49 -32.90 3.18
CA TRP A 31 -19.67 -31.91 4.25
C TRP A 31 -18.61 -30.82 4.16
N GLY A 32 -19.01 -29.59 4.48
CA GLY A 32 -18.09 -28.45 4.47
C GLY A 32 -17.89 -27.84 3.09
N PHE A 33 -17.50 -26.57 3.07
CA PHE A 33 -17.33 -25.83 1.82
C PHE A 33 -15.96 -25.16 1.71
N PRO A 34 -15.15 -25.60 0.72
CA PRO A 34 -13.80 -25.03 0.46
C PRO A 34 -13.87 -23.72 -0.34
N PRO A 35 -12.78 -22.93 -0.34
CA PRO A 35 -12.70 -21.67 -1.11
C PRO A 35 -13.20 -21.74 -2.56
N GLU A 36 -13.03 -22.90 -3.21
CA GLU A 36 -13.48 -23.10 -4.59
C GLU A 36 -15.01 -23.25 -4.68
N LYS A 37 -15.58 -24.02 -3.76
CA LYS A 37 -17.02 -24.31 -3.75
C LYS A 37 -17.81 -23.52 -2.70
N ARG A 38 -17.45 -22.26 -2.53
CA ARG A 38 -18.24 -21.33 -1.72
C ARG A 38 -19.18 -20.53 -2.62
N PRO A 39 -20.48 -20.49 -2.28
CA PRO A 39 -21.42 -19.62 -2.98
C PRO A 39 -20.97 -18.17 -2.90
N ILE A 40 -21.24 -17.40 -3.96
CA ILE A 40 -20.74 -16.03 -4.08
C ILE A 40 -21.14 -15.12 -2.91
N GLU A 41 -22.26 -15.43 -2.25
CA GLU A 41 -22.69 -14.71 -1.06
C GLU A 41 -21.82 -15.07 0.15
N MET A 42 -21.55 -16.36 0.29
CA MET A 42 -20.75 -16.91 1.38
C MET A 42 -19.32 -16.40 1.34
N HIS A 43 -18.78 -16.25 0.13
CA HIS A 43 -17.40 -15.80 -0.08
C HIS A 43 -17.15 -14.39 0.45
N ILE A 44 -18.20 -13.58 0.53
CA ILE A 44 -18.12 -12.21 1.04
C ILE A 44 -18.07 -12.19 2.57
N GLN A 45 -18.89 -13.05 3.18
CA GLN A 45 -18.94 -13.18 4.64
C GLN A 45 -17.57 -13.61 5.17
N PHE A 46 -17.01 -14.63 4.53
CA PHE A 46 -15.70 -15.17 4.87
C PHE A 46 -14.72 -14.80 3.77
N GLY A 47 -14.47 -13.50 3.65
CA GLY A 47 -13.60 -12.97 2.61
C GLY A 47 -12.77 -11.78 3.06
N VAL A 48 -11.57 -11.67 2.50
CA VAL A 48 -10.68 -10.55 2.78
C VAL A 48 -10.28 -9.92 1.44
N ILE A 49 -10.36 -8.60 1.36
CA ILE A 49 -9.99 -7.92 0.14
C ILE A 49 -8.53 -7.47 0.17
N ASN A 50 -7.77 -7.92 -0.81
CA ASN A 50 -6.41 -7.46 -1.03
C ASN A 50 -6.48 -6.13 -1.79
N LEU A 51 -6.44 -5.03 -1.06
CA LEU A 51 -6.69 -3.71 -1.63
C LEU A 51 -5.43 -2.91 -1.94
N ASP A 52 -5.45 -2.24 -3.09
CA ASP A 52 -4.48 -1.21 -3.42
C ASP A 52 -5.09 0.13 -3.02
N LYS A 53 -4.63 0.66 -1.89
CA LYS A 53 -5.14 1.91 -1.34
C LYS A 53 -4.52 3.12 -2.04
N PRO A 54 -5.36 3.96 -2.67
CA PRO A 54 -4.89 5.24 -3.18
C PRO A 54 -4.72 6.25 -2.04
N PRO A 55 -3.80 7.23 -2.20
CA PRO A 55 -3.59 8.25 -1.18
C PRO A 55 -4.71 9.28 -1.12
N GLY A 56 -4.82 9.95 0.02
CA GLY A 56 -5.87 10.94 0.25
C GLY A 56 -6.54 10.75 1.61
N PRO A 57 -7.42 9.73 1.73
CA PRO A 57 -8.13 9.48 2.98
C PRO A 57 -7.33 8.65 3.99
N THR A 58 -7.78 8.68 5.25
CA THR A 58 -7.26 7.78 6.27
C THR A 58 -7.84 6.39 6.02
N SER A 59 -7.11 5.37 6.47
CA SER A 59 -7.53 3.98 6.31
C SER A 59 -8.91 3.71 6.92
N HIS A 60 -9.24 4.45 7.97
CA HIS A 60 -10.52 4.30 8.66
C HIS A 60 -11.69 4.71 7.78
N GLU A 61 -11.49 5.78 7.00
CA GLU A 61 -12.50 6.25 6.06
C GLU A 61 -12.69 5.27 4.90
N VAL A 62 -11.61 4.59 4.53
CA VAL A 62 -11.63 3.57 3.48
C VAL A 62 -12.64 2.47 3.84
N VAL A 63 -12.55 1.99 5.07
CA VAL A 63 -13.46 0.98 5.60
C VAL A 63 -14.91 1.37 5.32
N ALA A 64 -15.29 2.56 5.77
CA ALA A 64 -16.67 3.03 5.73
C ALA A 64 -17.28 3.10 4.33
N TRP A 65 -16.46 3.41 3.33
CA TRP A 65 -16.93 3.50 1.95
C TRP A 65 -17.29 2.11 1.45
N ILE A 66 -16.39 1.15 1.69
CA ILE A 66 -16.61 -0.24 1.34
C ILE A 66 -17.87 -0.75 2.06
N LYS A 67 -17.99 -0.39 3.33
CA LYS A 67 -19.16 -0.71 4.15
C LYS A 67 -20.46 -0.33 3.47
N LYS A 68 -20.51 0.88 2.94
CA LYS A 68 -21.73 1.42 2.34
C LYS A 68 -21.97 0.91 0.92
N ILE A 69 -20.95 0.98 0.07
CA ILE A 69 -21.09 0.63 -1.36
C ILE A 69 -21.49 -0.82 -1.58
N LEU A 70 -20.89 -1.73 -0.81
CA LEU A 70 -21.17 -3.15 -0.92
C LEU A 70 -22.24 -3.60 0.08
N ASN A 71 -22.68 -2.65 0.91
CA ASN A 71 -23.73 -2.87 1.91
C ASN A 71 -23.39 -3.96 2.94
N LEU A 72 -22.25 -3.78 3.60
CA LEU A 72 -21.83 -4.65 4.69
C LEU A 72 -21.95 -3.92 6.01
N GLU A 73 -22.19 -4.67 7.08
CA GLU A 73 -22.44 -4.09 8.41
C GLU A 73 -21.24 -4.10 9.36
N LYS A 74 -20.19 -4.83 8.99
CA LYS A 74 -18.95 -4.86 9.76
C LYS A 74 -17.73 -5.07 8.86
N ALA A 75 -16.68 -4.27 9.06
CA ALA A 75 -15.45 -4.36 8.26
C ALA A 75 -14.20 -3.92 9.03
N GLY A 76 -13.05 -4.40 8.59
CA GLY A 76 -11.77 -4.12 9.24
C GLY A 76 -10.57 -4.03 8.32
N HIS A 77 -9.41 -3.80 8.92
CA HIS A 77 -8.17 -3.55 8.19
C HIS A 77 -6.95 -4.04 8.97
N GLY A 78 -5.87 -4.32 8.25
CA GLY A 78 -4.63 -4.81 8.86
C GLY A 78 -3.63 -3.71 9.16
N GLY A 79 -4.02 -2.78 10.02
CA GLY A 79 -3.17 -1.65 10.40
C GLY A 79 -3.60 -0.34 9.77
N THR A 80 -3.07 0.77 10.29
CA THR A 80 -3.41 2.10 9.80
C THR A 80 -2.35 2.64 8.85
N LEU A 81 -2.74 2.88 7.61
CA LEU A 81 -1.87 3.56 6.65
C LEU A 81 -2.30 5.01 6.48
N ASP A 82 -1.30 5.89 6.35
CA ASP A 82 -1.53 7.34 6.36
C ASP A 82 -2.12 7.88 5.06
N PRO A 83 -2.82 9.04 5.13
CA PRO A 83 -3.43 9.71 3.98
C PRO A 83 -2.49 9.83 2.78
N LYS A 84 -1.30 10.36 3.01
CA LYS A 84 -0.31 10.53 1.92
C LYS A 84 0.21 9.18 1.42
N VAL A 85 0.20 8.19 2.31
CA VAL A 85 0.70 6.85 2.00
C VAL A 85 -0.28 6.09 1.10
N SER A 86 0.25 5.09 0.38
CA SER A 86 -0.52 4.26 -0.53
C SER A 86 -0.07 2.79 -0.44
N GLY A 87 -0.66 1.93 -1.28
CA GLY A 87 -0.21 0.55 -1.40
C GLY A 87 -1.14 -0.51 -0.84
N VAL A 88 -0.54 -1.59 -0.36
CA VAL A 88 -1.28 -2.78 0.06
C VAL A 88 -2.04 -2.55 1.37
N LEU A 89 -3.29 -2.99 1.38
CA LEU A 89 -4.10 -2.98 2.58
C LEU A 89 -5.03 -4.19 2.59
N PRO A 90 -4.88 -5.05 3.61
CA PRO A 90 -5.81 -6.16 3.80
C PRO A 90 -7.14 -5.68 4.36
N VAL A 91 -8.25 -6.14 3.79
CA VAL A 91 -9.58 -5.68 4.19
C VAL A 91 -10.47 -6.83 4.64
N ALA A 92 -10.67 -6.93 5.95
CA ALA A 92 -11.49 -7.98 6.54
C ALA A 92 -12.97 -7.67 6.38
N LEU A 93 -13.78 -8.71 6.15
CA LEU A 93 -15.21 -8.55 5.92
C LEU A 93 -16.09 -9.47 6.76
N GLU A 94 -17.21 -8.90 7.22
CA GLU A 94 -18.28 -9.62 7.92
C GLU A 94 -17.83 -10.53 9.07
N LYS A 95 -17.83 -11.84 8.83
CA LYS A 95 -17.43 -12.81 9.84
C LYS A 95 -15.92 -12.83 9.97
N ALA A 96 -15.24 -12.65 8.84
CA ALA A 96 -13.77 -12.63 8.78
C ALA A 96 -13.18 -11.30 9.23
N THR A 97 -13.96 -10.52 9.98
CA THR A 97 -13.50 -9.21 10.45
C THR A 97 -12.41 -9.33 11.51
N ARG A 98 -12.56 -10.29 12.41
CA ARG A 98 -11.64 -10.45 13.54
C ARG A 98 -10.28 -11.04 13.16
N VAL A 99 -10.16 -11.57 11.94
CA VAL A 99 -8.92 -12.18 11.47
C VAL A 99 -7.76 -11.17 11.42
N VAL A 100 -8.09 -9.90 11.67
CA VAL A 100 -7.12 -8.81 11.67
C VAL A 100 -6.08 -8.93 12.79
N GLN A 101 -6.46 -9.58 13.89
CA GLN A 101 -5.58 -9.74 15.05
C GLN A 101 -4.29 -10.51 14.74
N ALA A 102 -4.29 -11.22 13.61
CA ALA A 102 -3.12 -11.98 13.15
C ALA A 102 -2.25 -11.15 12.22
N LEU A 103 -2.84 -10.09 11.66
CA LEU A 103 -2.19 -9.23 10.68
C LEU A 103 -1.69 -7.93 11.31
N LEU A 104 -2.18 -7.62 12.51
CA LEU A 104 -1.75 -6.45 13.26
C LEU A 104 -0.31 -6.54 13.80
N PRO A 105 0.14 -7.74 14.22
CA PRO A 105 1.54 -7.89 14.63
C PRO A 105 2.50 -8.40 13.54
N ALA A 106 1.96 -8.82 12.39
CA ALA A 106 2.74 -9.42 11.31
C ALA A 106 3.74 -8.45 10.66
N GLY A 107 4.77 -9.02 10.04
CA GLY A 107 5.81 -8.23 9.38
C GLY A 107 5.29 -7.41 8.21
N LYS A 108 5.89 -6.23 8.02
CA LYS A 108 5.47 -5.29 6.99
C LYS A 108 6.62 -4.93 6.06
N GLU A 109 6.30 -4.33 4.90
CA GLU A 109 7.30 -3.82 3.96
C GLU A 109 6.75 -2.64 3.15
N TYR A 110 7.56 -1.57 3.08
CA TYR A 110 7.20 -0.36 2.35
C TYR A 110 8.29 0.01 1.34
N VAL A 111 7.91 0.78 0.32
CA VAL A 111 8.86 1.46 -0.56
C VAL A 111 8.83 2.94 -0.23
N ALA A 112 9.98 3.49 0.14
CA ALA A 112 10.05 4.85 0.67
C ALA A 112 10.95 5.78 -0.13
N LEU A 113 10.46 7.01 -0.34
CA LEU A 113 11.27 8.08 -0.92
C LEU A 113 11.64 9.09 0.16
N MET A 114 12.91 9.48 0.18
CA MET A 114 13.45 10.31 1.25
C MET A 114 14.29 11.46 0.70
N HIS A 115 13.81 12.67 0.91
CA HIS A 115 14.50 13.89 0.51
C HIS A 115 15.50 14.28 1.59
N LEU A 116 16.70 14.67 1.15
CA LEU A 116 17.74 15.17 2.05
C LEU A 116 18.03 16.64 1.78
N HIS A 117 18.20 17.41 2.85
CA HIS A 117 18.29 18.87 2.76
C HIS A 117 19.67 19.40 2.36
N GLY A 118 20.66 18.50 2.27
CA GLY A 118 22.02 18.89 1.91
C GLY A 118 22.65 18.02 0.82
N ASP A 119 23.99 18.00 0.81
CA ASP A 119 24.75 17.22 -0.17
C ASP A 119 25.76 16.30 0.51
N VAL A 120 25.60 14.99 0.28
CA VAL A 120 26.52 13.98 0.80
C VAL A 120 26.88 13.00 -0.34
N PRO A 121 28.19 12.81 -0.61
CA PRO A 121 28.66 11.86 -1.62
C PRO A 121 28.03 10.47 -1.48
N GLU A 122 27.85 9.80 -2.61
CA GLU A 122 26.95 8.64 -2.72
C GLU A 122 27.29 7.44 -1.81
N ASP A 123 28.56 7.04 -1.77
CA ASP A 123 28.96 5.80 -1.09
C ASP A 123 28.78 5.79 0.43
N LYS A 124 28.82 6.96 1.06
CA LYS A 124 28.67 7.09 2.51
C LYS A 124 27.24 6.76 2.95
N ILE A 125 26.29 7.02 2.05
CA ILE A 125 24.87 6.81 2.34
C ILE A 125 24.53 5.34 2.54
N ILE A 126 24.98 4.48 1.63
CA ILE A 126 24.79 3.03 1.78
C ILE A 126 25.46 2.49 3.04
N GLN A 127 26.65 3.02 3.36
CA GLN A 127 27.36 2.66 4.59
C GLN A 127 26.50 2.94 5.83
N VAL A 128 25.78 4.05 5.79
CA VAL A 128 24.83 4.39 6.86
C VAL A 128 23.54 3.59 6.70
N MET A 129 23.19 3.28 5.45
CA MET A 129 21.97 2.52 5.14
C MET A 129 22.09 1.07 5.56
N LYS A 130 23.31 0.55 5.54
CA LYS A 130 23.64 -0.78 6.05
C LYS A 130 23.49 -0.80 7.57
N GLU A 131 23.91 0.30 8.19
CA GLU A 131 24.02 0.40 9.64
C GLU A 131 22.66 0.37 10.37
N PHE A 132 21.60 0.76 9.67
CA PHE A 132 20.25 0.73 10.24
C PHE A 132 19.56 -0.63 10.05
N GLU A 133 20.31 -1.70 10.35
CA GLU A 133 19.78 -3.07 10.29
C GLU A 133 19.94 -3.78 11.64
N GLY A 134 18.83 -3.88 12.36
CA GLY A 134 18.80 -4.46 13.71
C GLY A 134 17.70 -3.84 14.55
N GLU A 135 17.91 -3.83 15.87
CA GLU A 135 16.94 -3.24 16.78
C GLU A 135 17.15 -1.73 16.89
N ILE A 136 16.06 -1.00 17.11
CA ILE A 136 16.09 0.46 17.20
C ILE A 136 15.22 0.99 18.34
N ILE A 137 15.49 2.22 18.76
CA ILE A 137 14.69 2.90 19.77
C ILE A 137 13.95 4.08 19.14
N GLN A 138 12.62 4.08 19.30
CA GLN A 138 11.78 5.13 18.74
C GLN A 138 10.68 5.55 19.71
N ARG A 139 10.22 6.79 19.56
CA ARG A 139 9.05 7.29 20.28
C ARG A 139 8.00 7.76 19.26
N PRO A 140 6.83 7.08 19.24
CA PRO A 140 5.72 7.47 18.38
C PRO A 140 5.44 8.97 18.47
N PRO A 141 5.30 9.66 17.32
CA PRO A 141 5.08 11.10 17.29
C PRO A 141 3.74 11.52 17.92
N LEU A 142 3.53 12.84 18.01
CA LEU A 142 2.30 13.42 18.55
C LEU A 142 1.05 12.87 17.83
N ARG A 143 1.22 12.59 16.53
CA ARG A 143 0.16 12.05 15.69
C ARG A 143 0.25 10.52 15.63
N SER A 144 -0.28 9.87 16.67
CA SER A 144 -0.25 8.41 16.79
C SER A 144 -1.50 7.86 17.49
N ALA A 145 -1.78 6.58 17.26
CA ALA A 145 -2.94 5.91 17.85
C ALA A 145 -2.58 5.09 19.09
N VAL A 146 -1.28 4.92 19.35
CA VAL A 146 -0.78 4.18 20.51
C VAL A 146 -0.17 5.12 21.55
N LYS A 147 0.07 4.60 22.75
CA LYS A 147 0.65 5.38 23.86
C LYS A 147 2.07 5.85 23.53
N ARG A 148 2.40 7.05 24.00
CA ARG A 148 3.71 7.66 23.74
C ARG A 148 4.76 7.20 24.75
N ARG A 149 5.32 6.02 24.48
CA ARG A 149 6.33 5.38 25.34
C ARG A 149 7.50 4.85 24.50
N LEU A 150 8.68 4.76 25.11
CA LEU A 150 9.89 4.32 24.39
C LEU A 150 10.01 2.80 24.26
N ARG A 151 9.43 2.26 23.19
CA ARG A 151 9.49 0.82 22.91
C ARG A 151 10.74 0.44 22.12
N THR A 152 10.83 -0.83 21.73
CA THR A 152 11.95 -1.36 20.95
C THR A 152 11.47 -2.20 19.76
N ARG A 153 11.57 -1.64 18.56
CA ARG A 153 11.08 -2.28 17.33
C ARG A 153 12.21 -2.87 16.48
N LYS A 154 11.86 -3.87 15.66
CA LYS A 154 12.83 -4.62 14.87
C LYS A 154 12.83 -4.21 13.39
N VAL A 155 14.03 -4.12 12.82
CA VAL A 155 14.19 -3.80 11.40
C VAL A 155 14.93 -4.95 10.71
N TYR A 156 14.32 -5.51 9.67
CA TYR A 156 14.87 -6.68 9.01
C TYR A 156 15.94 -6.35 7.95
N TYR A 157 15.58 -5.51 6.99
CA TYR A 157 16.50 -5.16 5.89
C TYR A 157 16.15 -3.85 5.21
N ILE A 158 17.19 -3.13 4.77
CA ILE A 158 17.03 -1.94 3.93
C ILE A 158 17.91 -2.08 2.69
N GLU A 159 17.31 -2.54 1.60
CA GLU A 159 18.01 -2.60 0.32
C GLU A 159 17.85 -1.28 -0.43
N VAL A 160 18.97 -0.73 -0.90
CA VAL A 160 18.97 0.54 -1.61
C VAL A 160 18.56 0.34 -3.07
N LEU A 161 17.48 1.01 -3.46
CA LEU A 161 17.05 1.04 -4.85
C LEU A 161 17.93 2.02 -5.63
N GLU A 162 17.51 3.27 -5.74
CA GLU A 162 18.26 4.27 -6.51
C GLU A 162 18.39 5.64 -5.82
N ILE A 163 19.38 6.42 -6.26
CA ILE A 163 19.65 7.75 -5.71
C ILE A 163 19.73 8.78 -6.84
N GLU A 164 19.29 10.00 -6.57
CA GLU A 164 19.47 11.12 -7.50
C GLU A 164 19.95 12.39 -6.80
N GLY A 165 21.07 12.27 -6.09
CA GLY A 165 21.70 13.41 -5.42
C GLY A 165 21.12 13.70 -4.04
N ARG A 166 19.95 14.33 -4.01
CA ARG A 166 19.30 14.71 -2.75
C ARG A 166 18.13 13.78 -2.38
N ASP A 167 17.69 12.97 -3.34
CA ASP A 167 16.57 12.04 -3.13
C ASP A 167 16.99 10.58 -3.19
N VAL A 168 16.46 9.80 -2.24
CA VAL A 168 16.81 8.39 -2.13
C VAL A 168 15.56 7.51 -2.26
N LEU A 169 15.61 6.59 -3.21
CA LEU A 169 14.59 5.56 -3.35
C LEU A 169 15.14 4.28 -2.76
N PHE A 170 14.36 3.62 -1.90
CA PHE A 170 14.81 2.40 -1.22
C PHE A 170 13.65 1.51 -0.75
N ARG A 171 13.88 0.20 -0.83
CA ARG A 171 12.94 -0.80 -0.35
C ARG A 171 13.29 -1.16 1.09
N VAL A 172 12.27 -1.28 1.94
CA VAL A 172 12.47 -1.51 3.37
C VAL A 172 11.34 -2.32 4.01
N GLY A 173 11.72 -3.36 4.76
CA GLY A 173 10.75 -4.18 5.49
C GLY A 173 11.01 -4.20 6.99
N VAL A 174 9.96 -4.02 7.78
CA VAL A 174 10.08 -3.92 9.24
C VAL A 174 9.03 -4.73 10.02
N GLU A 175 9.19 -4.74 11.34
CA GLU A 175 8.21 -5.31 12.25
C GLU A 175 7.00 -4.38 12.34
N ALA A 176 5.86 -4.91 12.80
CA ALA A 176 4.63 -4.13 12.90
C ALA A 176 4.72 -3.03 13.95
N GLY A 177 4.25 -1.84 13.57
CA GLY A 177 4.21 -0.69 14.48
C GLY A 177 5.40 0.25 14.33
N THR A 178 6.35 -0.14 13.49
CA THR A 178 7.58 0.63 13.28
C THR A 178 7.31 1.86 12.42
N TYR A 179 7.82 3.00 12.87
CA TYR A 179 7.56 4.29 12.22
C TYR A 179 8.62 4.64 11.18
N ILE A 180 8.19 4.73 9.93
CA ILE A 180 9.04 5.10 8.80
C ILE A 180 9.55 6.52 8.94
N ARG A 181 8.64 7.45 9.22
CA ARG A 181 8.96 8.88 9.37
C ARG A 181 9.97 9.11 10.51
N SER A 182 9.79 8.41 11.61
CA SER A 182 10.72 8.46 12.74
C SER A 182 12.10 7.98 12.31
N LEU A 183 12.14 6.87 11.57
CA LEU A 183 13.39 6.30 11.06
C LEU A 183 14.06 7.25 10.06
N ILE A 184 13.32 7.63 9.02
CA ILE A 184 13.83 8.53 7.98
C ILE A 184 14.43 9.81 8.57
N HIS A 185 13.74 10.38 9.55
CA HIS A 185 14.23 11.55 10.25
C HIS A 185 15.55 11.25 10.97
N HIS A 186 15.63 10.07 11.57
CA HIS A 186 16.82 9.68 12.34
C HIS A 186 18.02 9.32 11.49
N ILE A 187 17.76 8.80 10.28
CA ILE A 187 18.82 8.54 9.30
C ILE A 187 19.38 9.85 8.77
N GLY A 188 18.52 10.85 8.62
CA GLY A 188 18.92 12.19 8.22
C GLY A 188 19.84 12.85 9.22
N LEU A 189 19.60 12.57 10.51
CA LEU A 189 20.45 13.04 11.59
C LEU A 189 21.72 12.19 11.73
N ALA A 190 21.69 10.97 11.18
CA ALA A 190 22.86 10.09 11.14
C ALA A 190 23.83 10.51 10.03
N LEU A 191 23.31 11.27 9.07
CA LEU A 191 24.12 11.84 7.99
C LEU A 191 24.41 13.32 8.24
N GLY A 192 23.56 13.96 9.03
CA GLY A 192 23.80 15.32 9.51
C GLY A 192 22.75 16.34 9.14
N VAL A 193 22.53 16.48 7.83
CA VAL A 193 21.67 17.55 7.28
C VAL A 193 20.18 17.38 7.60
N GLY A 194 19.80 16.22 8.14
CA GLY A 194 18.41 15.93 8.48
C GLY A 194 17.62 15.38 7.30
N ALA A 195 16.45 14.82 7.60
CA ALA A 195 15.56 14.29 6.56
C ALA A 195 14.09 14.27 6.96
N HIS A 196 13.23 14.44 5.96
CA HIS A 196 11.80 14.21 6.11
C HIS A 196 11.33 13.26 5.00
N MET A 197 10.06 12.86 5.07
CA MET A 197 9.49 11.97 4.07
C MET A 197 8.45 12.72 3.25
N SER A 198 8.66 12.77 1.93
CA SER A 198 7.75 13.46 1.03
C SER A 198 6.72 12.52 0.41
N GLU A 199 6.99 11.22 0.43
CA GLU A 199 6.09 10.23 -0.19
C GLU A 199 6.40 8.80 0.26
N LEU A 200 5.35 7.97 0.34
CA LEU A 200 5.47 6.58 0.79
C LEU A 200 4.42 5.66 0.16
N ARG A 201 4.75 4.37 0.10
CA ARG A 201 3.83 3.34 -0.34
C ARG A 201 4.18 2.01 0.32
N ARG A 202 3.16 1.28 0.77
CA ARG A 202 3.35 -0.08 1.29
C ARG A 202 3.46 -1.07 0.14
N THR A 203 4.17 -2.16 0.36
CA THR A 203 4.36 -3.19 -0.66
C THR A 203 4.03 -4.58 -0.16
N ARG A 204 4.20 -4.79 1.15
CA ARG A 204 3.95 -6.08 1.76
C ARG A 204 3.41 -5.94 3.18
N SER A 205 2.49 -6.83 3.54
CA SER A 205 1.90 -6.87 4.88
C SER A 205 1.55 -8.31 5.22
N GLY A 206 2.43 -8.98 5.95
CA GLY A 206 2.28 -10.40 6.25
C GLY A 206 2.41 -11.22 4.99
N PRO A 207 1.34 -11.96 4.62
CA PRO A 207 1.30 -12.71 3.36
C PRO A 207 0.60 -11.95 2.23
N PHE A 208 0.53 -10.62 2.34
CA PHE A 208 -0.09 -9.78 1.32
C PHE A 208 0.96 -8.95 0.58
N LYS A 209 1.08 -9.18 -0.73
CA LYS A 209 2.00 -8.41 -1.57
C LYS A 209 1.35 -8.02 -2.90
N GLU A 210 2.03 -7.16 -3.67
CA GLU A 210 1.51 -6.66 -4.94
C GLU A 210 1.38 -7.75 -6.02
N ASP A 211 0.22 -8.39 -6.06
CA ASP A 211 -0.06 -9.42 -7.07
C ASP A 211 -1.34 -9.11 -7.87
N GLU A 212 -1.91 -10.13 -8.49
CA GLU A 212 -3.14 -9.99 -9.29
C GLU A 212 -4.41 -9.97 -8.46
N THR A 213 -4.30 -10.38 -7.20
CA THR A 213 -5.40 -10.32 -6.25
C THR A 213 -5.52 -8.92 -5.64
N LEU A 214 -4.44 -8.14 -5.76
CA LEU A 214 -4.42 -6.74 -5.36
C LEU A 214 -5.35 -5.93 -6.27
N ILE A 215 -6.12 -5.03 -5.67
CA ILE A 215 -7.15 -4.31 -6.42
C ILE A 215 -7.38 -2.88 -5.92
N THR A 216 -7.52 -1.96 -6.87
CA THR A 216 -7.87 -0.57 -6.55
C THR A 216 -9.34 -0.47 -6.18
N LEU A 217 -9.73 0.66 -5.59
CA LEU A 217 -11.12 0.90 -5.22
C LEU A 217 -12.01 1.03 -6.46
N HIS A 218 -11.46 1.60 -7.52
CA HIS A 218 -12.18 1.71 -8.79
C HIS A 218 -12.65 0.34 -9.27
N ASP A 219 -11.69 -0.54 -9.53
CA ASP A 219 -11.99 -1.88 -10.02
C ASP A 219 -12.87 -2.67 -9.04
N LEU A 220 -12.64 -2.46 -7.74
CA LEU A 220 -13.44 -3.10 -6.69
C LEU A 220 -14.93 -2.89 -6.94
N VAL A 221 -15.34 -1.63 -6.94
CA VAL A 221 -16.76 -1.30 -7.08
C VAL A 221 -17.27 -1.64 -8.48
N ASP A 222 -16.41 -1.52 -9.48
CA ASP A 222 -16.74 -1.86 -10.85
C ASP A 222 -17.20 -3.32 -10.93
N TYR A 223 -16.34 -4.22 -10.45
CA TYR A 223 -16.61 -5.66 -10.48
C TYR A 223 -17.84 -6.03 -9.65
N TYR A 224 -18.06 -5.29 -8.56
CA TYR A 224 -19.21 -5.53 -7.68
C TYR A 224 -20.53 -5.31 -8.40
N TYR A 225 -20.62 -4.23 -9.17
CA TYR A 225 -21.84 -3.91 -9.91
C TYR A 225 -21.99 -4.75 -11.16
N PHE A 226 -20.89 -5.35 -11.62
CA PHE A 226 -20.94 -6.28 -12.75
C PHE A 226 -21.65 -7.59 -12.38
N TRP A 227 -21.56 -7.96 -11.11
CA TRP A 227 -22.28 -9.12 -10.58
C TRP A 227 -23.66 -8.70 -10.07
N LYS A 228 -23.77 -7.47 -9.58
CA LYS A 228 -25.01 -6.96 -9.01
C LYS A 228 -26.04 -6.60 -10.09
N GLU A 229 -25.60 -5.84 -11.10
CA GLU A 229 -26.48 -5.43 -12.20
C GLU A 229 -26.52 -6.48 -13.31
N ASP A 230 -25.33 -6.92 -13.75
CA ASP A 230 -25.21 -7.80 -14.92
C ASP A 230 -25.24 -9.28 -14.56
N GLY A 231 -24.63 -9.63 -13.43
CA GLY A 231 -24.74 -10.98 -12.87
C GLY A 231 -23.80 -12.03 -13.42
N ILE A 232 -22.49 -11.74 -13.37
CA ILE A 232 -21.45 -12.75 -13.65
C ILE A 232 -20.51 -12.83 -12.46
N GLU A 233 -20.31 -14.04 -11.95
CA GLU A 233 -19.64 -14.25 -10.66
C GLU A 233 -18.12 -14.29 -10.70
N GLU A 234 -17.55 -14.69 -11.84
CA GLU A 234 -16.11 -14.93 -11.99
C GLU A 234 -15.19 -13.76 -11.59
N TYR A 235 -15.57 -12.54 -11.97
CA TYR A 235 -14.75 -11.35 -11.74
C TYR A 235 -14.73 -10.90 -10.28
N PHE A 236 -15.91 -10.82 -9.68
CA PHE A 236 -16.05 -10.41 -8.28
C PHE A 236 -15.42 -11.42 -7.33
N ARG A 237 -15.34 -12.67 -7.79
CA ARG A 237 -14.76 -13.77 -7.03
C ARG A 237 -13.29 -13.50 -6.69
N LYS A 238 -12.49 -13.18 -7.69
CA LYS A 238 -11.06 -12.93 -7.49
C LYS A 238 -10.77 -11.55 -6.89
N ALA A 239 -11.81 -10.73 -6.76
CA ALA A 239 -11.70 -9.42 -6.14
C ALA A 239 -11.46 -9.57 -4.63
N ILE A 240 -12.19 -10.50 -4.03
CA ILE A 240 -12.03 -10.82 -2.63
C ILE A 240 -11.29 -12.14 -2.52
N GLN A 241 -10.66 -12.38 -1.38
CA GLN A 241 -9.91 -13.62 -1.15
C GLN A 241 -10.50 -14.42 0.00
N PRO A 242 -10.42 -15.76 -0.07
CA PRO A 242 -10.79 -16.58 1.10
C PRO A 242 -9.93 -16.22 2.31
N MET A 243 -10.56 -16.12 3.48
CA MET A 243 -9.88 -15.67 4.71
C MET A 243 -8.68 -16.53 5.12
N GLU A 244 -8.51 -17.67 4.44
CA GLU A 244 -7.37 -18.55 4.64
C GLU A 244 -6.06 -17.95 4.10
N LYS A 245 -6.19 -16.90 3.28
CA LYS A 245 -5.05 -16.16 2.76
C LYS A 245 -4.31 -15.42 3.87
N ALA A 246 -5.07 -14.90 4.84
CA ALA A 246 -4.51 -14.16 5.98
C ALA A 246 -4.01 -15.09 7.08
N VAL A 247 -3.63 -16.31 6.68
CA VAL A 247 -3.27 -17.36 7.62
C VAL A 247 -1.93 -18.01 7.25
N GLU A 248 -1.56 -17.90 5.97
CA GLU A 248 -0.31 -18.49 5.44
C GLU A 248 0.92 -18.30 6.31
N HIS A 249 1.08 -17.09 6.87
CA HIS A 249 2.24 -16.74 7.69
C HIS A 249 2.17 -17.29 9.12
N LEU A 250 1.08 -17.98 9.44
CA LEU A 250 0.88 -18.59 10.76
C LEU A 250 1.01 -20.11 10.72
N PRO A 251 1.49 -20.72 11.82
CA PRO A 251 1.50 -22.17 11.96
C PRO A 251 0.07 -22.74 11.91
N LYS A 252 -0.11 -23.77 11.08
CA LYS A 252 -1.43 -24.38 10.85
C LYS A 252 -1.50 -25.80 11.41
N VAL A 253 -2.69 -26.20 11.85
CA VAL A 253 -2.95 -27.59 12.25
C VAL A 253 -4.14 -28.18 11.48
N TRP A 254 -3.87 -29.26 10.74
CA TRP A 254 -4.91 -29.95 9.98
C TRP A 254 -5.61 -31.00 10.83
N ILE A 255 -6.90 -30.80 11.05
CA ILE A 255 -7.70 -31.69 11.91
C ILE A 255 -8.70 -32.52 11.12
N LYS A 256 -8.99 -33.71 11.64
CA LYS A 256 -9.88 -34.68 10.99
C LYS A 256 -11.33 -34.20 10.96
N ASP A 257 -12.15 -34.88 10.17
CA ASP A 257 -13.58 -34.54 10.00
C ASP A 257 -14.36 -34.60 11.32
N SER A 258 -13.94 -35.50 12.21
CA SER A 258 -14.59 -35.69 13.51
C SER A 258 -14.18 -34.62 14.53
N ALA A 259 -13.01 -34.02 14.32
CA ALA A 259 -12.46 -33.01 15.21
C ALA A 259 -12.98 -31.59 14.91
N VAL A 260 -13.73 -31.45 13.81
CA VAL A 260 -14.23 -30.15 13.38
C VAL A 260 -15.44 -29.70 14.20
N ALA A 261 -16.53 -30.46 14.10
CA ALA A 261 -17.81 -30.10 14.70
C ALA A 261 -17.73 -29.83 16.20
N ALA A 262 -16.98 -30.67 16.92
CA ALA A 262 -16.81 -30.51 18.37
C ALA A 262 -16.20 -29.16 18.72
N VAL A 263 -15.09 -28.83 18.05
CA VAL A 263 -14.37 -27.58 18.26
C VAL A 263 -15.26 -26.35 17.96
N THR A 264 -16.05 -26.44 16.90
CA THR A 264 -16.94 -25.35 16.49
C THR A 264 -17.96 -24.98 17.56
N HIS A 265 -18.30 -25.95 18.41
CA HIS A 265 -19.20 -25.73 19.54
C HIS A 265 -18.46 -25.17 20.76
N GLY A 266 -17.25 -24.65 20.52
CA GLY A 266 -16.46 -23.99 21.56
C GLY A 266 -15.39 -24.85 22.19
N ALA A 267 -15.39 -26.14 21.87
CA ALA A 267 -14.48 -27.11 22.49
C ALA A 267 -13.02 -26.88 22.11
N ASP A 268 -12.12 -27.22 23.04
CA ASP A 268 -10.68 -27.13 22.81
C ASP A 268 -10.16 -28.38 22.11
N LEU A 269 -9.22 -28.19 21.19
CA LEU A 269 -8.65 -29.29 20.42
C LEU A 269 -7.75 -30.19 21.26
N ALA A 270 -8.06 -31.48 21.24
CA ALA A 270 -7.24 -32.49 21.90
C ALA A 270 -6.23 -33.07 20.91
N VAL A 271 -5.25 -33.79 21.43
CA VAL A 271 -4.24 -34.45 20.60
C VAL A 271 -4.83 -35.58 19.71
N PRO A 272 -5.73 -36.43 20.27
CA PRO A 272 -6.40 -37.46 19.44
C PRO A 272 -7.29 -36.93 18.31
N GLY A 273 -7.31 -35.62 18.11
CA GLY A 273 -8.06 -35.00 17.01
C GLY A 273 -7.19 -34.46 15.89
N ILE A 274 -5.88 -34.47 16.11
CA ILE A 274 -4.92 -33.95 15.14
C ILE A 274 -4.53 -35.02 14.12
N ALA A 275 -4.45 -34.61 12.86
CA ALA A 275 -3.96 -35.47 11.78
C ALA A 275 -2.59 -34.99 11.30
N LYS A 276 -2.51 -33.70 10.96
CA LYS A 276 -1.27 -33.09 10.47
C LYS A 276 -1.05 -31.75 11.19
N LEU A 277 0.21 -31.31 11.26
CA LEU A 277 0.55 -30.03 11.88
C LEU A 277 1.87 -29.42 11.36
N HIS A 278 1.93 -28.08 11.35
CA HIS A 278 3.15 -27.36 10.99
C HIS A 278 4.24 -27.57 12.03
N ALA A 279 5.49 -27.36 11.60
CA ALA A 279 6.65 -27.49 12.47
C ALA A 279 7.14 -26.14 12.97
N GLY A 280 7.48 -26.07 14.26
CA GLY A 280 8.02 -24.84 14.86
C GLY A 280 7.17 -24.25 15.98
N ILE A 281 6.21 -25.04 16.47
CA ILE A 281 5.25 -24.57 17.46
C ILE A 281 5.84 -24.54 18.87
N LYS A 282 5.58 -23.45 19.58
CA LYS A 282 5.91 -23.32 21.00
C LYS A 282 4.65 -23.07 21.82
N ARG A 283 4.77 -23.09 23.14
CA ARG A 283 3.65 -22.81 24.04
C ARG A 283 3.45 -21.30 24.21
N GLY A 284 2.30 -20.81 23.72
CA GLY A 284 2.00 -19.38 23.76
C GLY A 284 1.74 -18.78 22.38
N ASP A 285 2.26 -19.43 21.34
CA ASP A 285 2.05 -19.02 19.95
C ASP A 285 0.61 -19.29 19.49
N LEU A 286 0.12 -18.42 18.61
CA LEU A 286 -1.19 -18.61 18.01
C LEU A 286 -1.09 -19.56 16.82
N VAL A 287 -1.93 -20.59 16.83
CA VAL A 287 -1.94 -21.59 15.76
C VAL A 287 -3.31 -21.66 15.08
N ALA A 288 -3.27 -21.66 13.75
CA ALA A 288 -4.48 -21.74 12.95
C ALA A 288 -4.97 -23.17 12.85
N ILE A 289 -6.28 -23.35 12.99
CA ILE A 289 -6.89 -24.67 12.93
C ILE A 289 -7.61 -24.85 11.60
N MET A 290 -7.17 -25.85 10.84
CA MET A 290 -7.64 -26.05 9.48
C MET A 290 -8.28 -27.42 9.28
N THR A 291 -9.26 -27.50 8.39
CA THR A 291 -9.76 -28.80 7.93
C THR A 291 -8.79 -29.34 6.89
N LEU A 292 -9.01 -30.57 6.46
CA LEU A 292 -8.15 -31.21 5.46
C LEU A 292 -8.31 -30.61 4.05
N LYS A 293 -9.44 -29.95 3.81
CA LYS A 293 -9.71 -29.28 2.54
C LYS A 293 -9.21 -27.82 2.53
N ASP A 294 -8.44 -27.46 3.57
CA ASP A 294 -7.90 -26.10 3.76
C ASP A 294 -8.97 -25.02 3.95
N GLU A 295 -9.77 -25.18 5.01
CA GLU A 295 -10.74 -24.18 5.44
C GLU A 295 -10.41 -23.79 6.87
N LEU A 296 -10.35 -22.49 7.15
CA LEU A 296 -10.06 -22.01 8.50
C LEU A 296 -11.24 -22.26 9.44
N VAL A 297 -10.97 -22.96 10.53
CA VAL A 297 -12.00 -23.30 11.51
C VAL A 297 -11.96 -22.30 12.65
N ALA A 298 -10.82 -22.23 13.34
CA ALA A 298 -10.66 -21.38 14.51
C ALA A 298 -9.21 -21.00 14.76
N LEU A 299 -9.02 -20.09 15.70
CA LEU A 299 -7.68 -19.66 16.14
C LEU A 299 -7.52 -19.87 17.64
N GLY A 300 -6.29 -20.15 18.07
CA GLY A 300 -6.01 -20.35 19.49
C GLY A 300 -4.54 -20.54 19.84
N LYS A 301 -4.23 -20.43 21.13
CA LYS A 301 -2.87 -20.62 21.65
C LYS A 301 -2.55 -22.09 21.88
N ALA A 302 -1.31 -22.46 21.61
CA ALA A 302 -0.85 -23.84 21.80
C ALA A 302 -0.56 -24.17 23.25
N MET A 303 -0.89 -25.39 23.65
CA MET A 303 -0.65 -25.88 25.01
C MET A 303 0.57 -26.79 25.05
N MET A 304 1.07 -27.15 23.86
CA MET A 304 2.21 -28.07 23.70
C MET A 304 3.15 -27.59 22.60
N THR A 305 4.26 -28.31 22.42
CA THR A 305 5.19 -28.08 21.31
C THR A 305 4.90 -29.04 20.15
N SER A 306 5.61 -28.85 19.03
CA SER A 306 5.45 -29.71 17.85
C SER A 306 5.82 -31.17 18.13
N GLN A 307 6.57 -31.38 19.21
CA GLN A 307 6.98 -32.72 19.65
C GLN A 307 5.89 -33.38 20.49
N GLU A 308 5.34 -32.62 21.44
CA GLU A 308 4.39 -33.13 22.43
C GLU A 308 3.02 -33.48 21.84
N MET A 309 2.64 -32.79 20.77
CA MET A 309 1.41 -33.08 20.03
C MET A 309 1.60 -34.29 19.13
N LEU A 310 2.86 -34.56 18.79
CA LEU A 310 3.20 -35.61 17.83
C LEU A 310 3.38 -36.97 18.50
N GLU A 311 4.03 -36.98 19.67
CA GLU A 311 4.37 -38.21 20.38
C GLU A 311 3.19 -38.85 21.13
N LYS A 312 2.61 -38.10 22.08
CA LYS A 312 1.57 -38.63 22.97
C LYS A 312 0.21 -38.80 22.31
N THR A 313 -0.71 -39.46 23.03
CA THR A 313 -2.08 -39.70 22.54
C THR A 313 -3.16 -39.10 23.46
N LYS A 314 -2.72 -38.56 24.60
CA LYS A 314 -3.64 -38.01 25.61
C LYS A 314 -3.25 -36.57 25.97
N GLY A 315 -4.25 -35.69 26.01
CA GLY A 315 -4.05 -34.30 26.46
C GLY A 315 -4.64 -33.22 25.57
N ILE A 316 -4.62 -31.98 26.08
CA ILE A 316 -5.09 -30.79 25.35
C ILE A 316 -3.93 -30.15 24.59
N ALA A 317 -4.10 -29.99 23.28
CA ALA A 317 -3.04 -29.45 22.42
C ALA A 317 -3.21 -27.96 22.11
N VAL A 318 -4.43 -27.55 21.77
CA VAL A 318 -4.72 -26.16 21.39
C VAL A 318 -5.93 -25.59 22.15
N ASP A 319 -5.72 -24.48 22.84
CA ASP A 319 -6.80 -23.75 23.50
C ASP A 319 -7.55 -22.92 22.46
N VAL A 320 -8.70 -23.43 22.02
CA VAL A 320 -9.52 -22.78 20.98
C VAL A 320 -10.14 -21.48 21.49
N GLU A 321 -9.77 -20.37 20.84
CA GLU A 321 -10.12 -19.04 21.31
C GLU A 321 -11.15 -18.31 20.44
N LYS A 322 -10.90 -18.27 19.13
CA LYS A 322 -11.76 -17.53 18.22
C LYS A 322 -12.34 -18.40 17.10
N VAL A 323 -13.65 -18.59 17.15
CA VAL A 323 -14.38 -19.44 16.20
C VAL A 323 -14.90 -18.63 15.01
N PHE A 324 -14.69 -19.14 13.81
CA PHE A 324 -15.13 -18.48 12.58
C PHE A 324 -16.05 -19.36 11.73
N MET A 325 -15.73 -20.67 11.69
CA MET A 325 -16.52 -21.63 10.91
C MET A 325 -17.89 -21.88 11.55
N PRO A 326 -18.96 -21.84 10.73
CA PRO A 326 -20.32 -22.15 11.19
C PRO A 326 -20.49 -23.60 11.65
N ARG A 327 -21.58 -23.86 12.37
CA ARG A 327 -21.82 -25.13 13.04
C ARG A 327 -22.50 -26.18 12.16
N ASP A 328 -23.28 -25.73 11.18
CA ASP A 328 -24.02 -26.61 10.27
C ASP A 328 -23.20 -27.07 9.05
N TRP A 329 -21.91 -26.76 9.08
CA TRP A 329 -20.98 -27.17 8.03
C TRP A 329 -20.60 -28.66 8.17
N TYR A 330 -20.06 -29.00 9.34
CA TYR A 330 -19.72 -30.39 9.68
C TYR A 330 -20.57 -30.86 10.87
N PRO A 331 -21.26 -32.01 10.72
CA PRO A 331 -22.13 -32.54 11.78
C PRO A 331 -21.35 -33.16 12.96
N LYS A 332 -22.06 -33.37 14.07
CA LYS A 332 -21.47 -33.80 15.35
C LYS A 332 -20.91 -35.23 15.35
N LEU A 333 -19.65 -35.38 15.78
CA LEU A 333 -18.98 -36.70 15.82
C LEU A 333 -18.21 -37.00 17.12
N TRP A 334 -18.41 -36.20 18.17
CA TRP A 334 -17.69 -36.38 19.43
C TRP A 334 -18.13 -37.63 20.20
N MET B 8 31.97 10.49 36.11
CA MET B 8 31.45 10.73 34.72
C MET B 8 31.73 9.57 33.77
N LYS B 9 30.89 9.42 32.74
CA LYS B 9 31.03 8.34 31.76
C LYS B 9 31.15 8.90 30.34
N ARG B 10 31.95 8.24 29.51
CA ARG B 10 32.28 8.73 28.17
C ARG B 10 31.34 8.21 27.07
N LEU B 11 31.14 9.04 26.05
CA LEU B 11 30.29 8.70 24.89
C LEU B 11 31.14 8.38 23.66
N GLY B 12 31.92 9.35 23.19
CA GLY B 12 32.76 9.20 22.02
C GLY B 12 33.01 10.51 21.29
N LYS B 13 33.30 10.41 19.99
CA LYS B 13 33.61 11.58 19.16
C LYS B 13 32.36 12.21 18.56
N VAL B 14 32.32 13.54 18.57
CA VAL B 14 31.20 14.31 17.99
C VAL B 14 31.29 14.28 16.47
N LEU B 15 30.16 13.98 15.82
CA LEU B 15 30.11 13.90 14.36
C LEU B 15 29.91 15.27 13.70
N HIS B 16 28.80 15.94 14.03
CA HIS B 16 28.45 17.23 13.42
C HIS B 16 27.29 17.91 14.16
N TYR B 17 27.09 19.19 13.90
CA TYR B 17 25.97 19.96 14.43
C TYR B 17 24.90 20.12 13.35
N ALA B 18 23.73 19.53 13.59
CA ALA B 18 22.59 19.67 12.68
C ALA B 18 22.03 21.08 12.74
N LYS B 19 21.47 21.55 11.62
CA LYS B 19 20.92 22.91 11.52
C LYS B 19 19.66 23.13 12.37
N GLN B 20 18.99 22.04 12.72
CA GLN B 20 17.75 22.08 13.51
C GLN B 20 18.01 22.47 14.97
N GLY B 21 19.20 22.13 15.47
CA GLY B 21 19.61 22.47 16.83
C GLY B 21 20.08 21.29 17.65
N PHE B 22 20.88 20.42 17.03
CA PHE B 22 21.38 19.21 17.69
C PHE B 22 22.84 18.89 17.36
N LEU B 23 23.60 18.57 18.40
CA LEU B 23 24.96 18.04 18.24
C LEU B 23 24.93 16.52 18.30
N ILE B 24 25.32 15.88 17.20
CA ILE B 24 25.22 14.43 17.06
C ILE B 24 26.49 13.72 17.54
N VAL B 25 26.31 12.87 18.55
CA VAL B 25 27.40 12.10 19.14
C VAL B 25 27.19 10.61 18.91
N ARG B 26 28.28 9.88 18.69
CA ARG B 26 28.23 8.43 18.48
C ARG B 26 28.66 7.68 19.74
N THR B 27 27.70 7.09 20.45
CA THR B 27 27.95 6.40 21.71
C THR B 27 27.63 4.90 21.64
N ASN B 28 27.96 4.16 22.71
CA ASN B 28 27.74 2.71 22.76
C ASN B 28 26.71 2.23 23.80
N TRP B 29 26.42 3.08 24.79
CA TRP B 29 25.49 2.74 25.86
C TRP B 29 24.14 3.48 25.73
N VAL B 30 23.14 3.02 26.48
CA VAL B 30 21.78 3.58 26.43
C VAL B 30 21.54 4.59 27.55
N PRO B 31 21.46 5.89 27.21
CA PRO B 31 21.15 6.94 28.18
C PRO B 31 19.64 7.16 28.36
N SER B 32 19.26 8.10 29.21
CA SER B 32 17.85 8.42 29.46
C SER B 32 17.50 9.85 29.03
N LEU B 33 16.27 10.27 29.32
CA LEU B 33 15.78 11.60 28.96
C LEU B 33 16.27 12.66 29.94
N ASN B 34 16.71 13.80 29.40
CA ASN B 34 17.26 14.93 30.18
C ASN B 34 18.51 14.60 31.00
N ASP B 35 19.60 14.27 30.31
CA ASP B 35 20.90 14.02 30.94
C ASP B 35 21.85 15.21 30.77
N ARG B 36 22.68 15.44 31.78
CA ARG B 36 23.71 16.48 31.72
C ARG B 36 24.87 16.05 30.82
N VAL B 37 25.32 16.95 29.96
CA VAL B 37 26.46 16.69 29.08
C VAL B 37 27.59 17.68 29.34
N VAL B 38 28.76 17.15 29.67
CA VAL B 38 29.96 17.95 29.91
C VAL B 38 31.12 17.41 29.08
N ASP B 39 32.14 18.24 28.82
CA ASP B 39 33.34 17.79 28.12
C ASP B 39 34.35 17.12 29.07
N LYS B 40 35.63 17.13 28.70
CA LYS B 40 36.67 16.45 29.48
C LYS B 40 37.08 17.17 30.78
N ARG B 41 36.83 18.48 30.83
CA ARG B 41 37.26 19.30 31.97
C ARG B 41 36.10 19.76 32.88
N LEU B 42 35.01 18.99 32.88
CA LEU B 42 33.85 19.18 33.76
C LEU B 42 33.10 20.52 33.62
N GLN B 43 33.03 21.04 32.39
CA GLN B 43 32.27 22.26 32.10
C GLN B 43 31.01 21.96 31.30
N PHE B 44 29.91 22.61 31.66
CA PHE B 44 28.59 22.32 31.10
C PHE B 44 28.48 22.64 29.59
N VAL B 45 27.87 21.72 28.85
CA VAL B 45 27.73 21.83 27.40
C VAL B 45 26.25 21.91 26.96
N GLY B 46 25.47 20.88 27.31
CA GLY B 46 24.06 20.82 26.92
C GLY B 46 23.23 19.77 27.63
N ILE B 47 22.03 19.53 27.11
CA ILE B 47 21.08 18.57 27.71
C ILE B 47 20.49 17.62 26.65
N VAL B 48 20.33 16.36 27.03
CA VAL B 48 19.84 15.30 26.12
C VAL B 48 18.35 15.44 25.80
N LYS B 49 18.01 15.35 24.52
CA LYS B 49 16.62 15.49 24.07
C LYS B 49 16.10 14.34 23.20
N ASP B 50 16.98 13.70 22.42
CA ASP B 50 16.56 12.63 21.53
C ASP B 50 17.62 11.54 21.33
N VAL B 51 17.21 10.29 21.57
CA VAL B 51 18.07 9.12 21.40
C VAL B 51 17.45 8.17 20.36
N PHE B 52 18.29 7.74 19.41
CA PHE B 52 17.81 6.95 18.27
C PHE B 52 18.89 6.04 17.68
N GLY B 53 18.58 5.42 16.55
CA GLY B 53 19.53 4.57 15.84
C GLY B 53 19.55 3.13 16.33
N PRO B 54 20.57 2.35 15.92
CA PRO B 54 20.71 0.92 16.20
C PRO B 54 20.84 0.59 17.69
N VAL B 55 20.78 -0.71 18.00
CA VAL B 55 20.82 -1.21 19.36
C VAL B 55 22.21 -1.10 20.01
N LYS B 56 23.23 -1.59 19.29
CA LYS B 56 24.58 -1.68 19.84
C LYS B 56 25.27 -0.33 19.92
N MET B 57 25.13 0.47 18.86
CA MET B 57 25.79 1.78 18.75
C MET B 57 24.79 2.87 18.34
N PRO B 58 24.04 3.41 19.31
CA PRO B 58 23.05 4.45 19.00
C PRO B 58 23.64 5.87 18.90
N TYR B 59 23.02 6.69 18.06
CA TYR B 59 23.36 8.11 17.95
C TYR B 59 22.62 8.89 19.02
N VAL B 60 23.19 10.01 19.46
CA VAL B 60 22.54 10.87 20.46
C VAL B 60 22.54 12.34 20.02
N ALA B 61 21.36 12.93 19.98
CA ALA B 61 21.18 14.34 19.61
C ALA B 61 21.07 15.21 20.87
N ILE B 62 21.83 16.29 20.90
CA ILE B 62 21.96 17.14 22.09
C ILE B 62 21.42 18.55 21.89
N LYS B 63 20.63 19.02 22.85
CA LYS B 63 20.17 20.41 22.89
C LYS B 63 21.23 21.30 23.57
N PRO B 64 21.87 22.20 22.79
CA PRO B 64 22.96 23.02 23.32
C PRO B 64 22.48 24.20 24.16
N LYS B 65 22.90 24.21 25.43
CA LYS B 65 22.64 25.34 26.32
C LYS B 65 23.91 26.17 26.53
N VAL B 66 24.68 26.31 25.44
CA VAL B 66 25.88 27.16 25.41
C VAL B 66 25.80 28.15 24.24
N SER B 67 26.70 29.14 24.25
CA SER B 67 26.72 30.18 23.21
C SER B 67 27.30 29.70 21.87
N ASN B 68 28.38 28.92 21.92
CA ASN B 68 29.02 28.39 20.72
C ASN B 68 29.08 26.86 20.65
N PRO B 69 28.12 26.23 19.94
CA PRO B 69 28.18 24.80 19.63
C PRO B 69 28.87 24.49 18.29
N GLU B 70 29.48 25.50 17.67
CA GLU B 70 30.17 25.37 16.39
C GLU B 70 31.66 25.01 16.54
N ILE B 71 32.19 25.19 17.76
CA ILE B 71 33.58 24.85 18.07
C ILE B 71 33.73 23.42 18.63
N TYR B 72 32.61 22.79 18.96
CA TYR B 72 32.59 21.41 19.47
C TYR B 72 32.46 20.37 18.36
N VAL B 73 32.96 20.71 17.18
CA VAL B 73 33.04 19.77 16.05
C VAL B 73 34.37 19.01 16.09
N GLY B 74 34.27 17.69 16.21
CA GLY B 74 35.44 16.83 16.39
C GLY B 74 35.95 16.85 17.83
N GLU B 75 35.01 16.72 18.77
CA GLU B 75 35.31 16.73 20.20
C GLU B 75 34.83 15.44 20.88
N VAL B 76 35.19 15.27 22.16
CA VAL B 76 34.75 14.12 22.95
C VAL B 76 33.86 14.60 24.10
N LEU B 77 32.59 14.19 24.09
CA LEU B 77 31.62 14.61 25.10
C LEU B 77 31.24 13.48 26.06
N TYR B 78 30.91 13.86 27.30
CA TYR B 78 30.64 12.91 28.38
C TYR B 78 29.21 13.05 28.92
N VAL B 79 28.93 12.32 30.01
CA VAL B 79 27.70 12.49 30.78
C VAL B 79 28.08 12.65 32.26
N ASP B 80 27.62 13.74 32.88
CA ASP B 80 27.98 14.09 34.25
C ASP B 80 27.31 13.17 35.28
N GLU B 81 28.13 12.60 36.17
CA GLU B 81 27.67 11.62 37.16
C GLU B 81 27.85 12.16 38.58
N PHE C 3 3.19 14.19 -7.18
CA PHE C 3 3.57 12.74 -7.27
C PHE C 3 4.80 12.54 -8.16
N ARG C 4 5.71 11.67 -7.72
CA ARG C 4 6.93 11.40 -8.49
C ARG C 4 7.32 9.92 -8.56
N ILE C 5 6.87 9.13 -7.60
CA ILE C 5 7.18 7.69 -7.56
C ILE C 5 6.51 6.95 -8.72
N ARG C 6 7.33 6.42 -9.62
CA ARG C 6 6.85 5.72 -10.81
C ARG C 6 7.18 4.23 -10.77
N LYS C 7 6.59 3.47 -11.70
CA LYS C 7 6.76 2.03 -11.77
C LYS C 7 6.67 1.57 -13.21
N CYS C 8 7.40 0.50 -13.54
CA CYS C 8 7.37 -0.10 -14.87
C CYS C 8 6.14 -1.01 -14.99
N PRO C 9 5.43 -0.95 -16.13
CA PRO C 9 4.28 -1.82 -16.36
C PRO C 9 4.67 -3.10 -17.12
N LYS C 10 5.83 -3.66 -16.78
CA LYS C 10 6.41 -4.76 -17.54
C LYS C 10 7.33 -5.64 -16.68
N CYS C 11 8.21 -4.99 -15.91
CA CYS C 11 9.21 -5.70 -15.11
C CYS C 11 8.95 -5.64 -13.60
N GLY C 12 8.53 -4.47 -13.11
CA GLY C 12 8.22 -4.28 -11.70
C GLY C 12 9.29 -3.50 -10.95
N ARG C 13 9.83 -2.49 -11.61
CA ARG C 13 10.90 -1.67 -11.05
C ARG C 13 10.44 -0.24 -10.80
N TYR C 14 10.72 0.25 -9.59
CA TYR C 14 10.41 1.63 -9.22
C TYR C 14 11.56 2.56 -9.57
N THR C 15 11.24 3.74 -10.08
CA THR C 15 12.24 4.72 -10.50
C THR C 15 11.73 6.16 -10.37
N LEU C 16 12.49 7.11 -10.92
CA LEU C 16 12.09 8.52 -10.96
C LEU C 16 12.05 9.06 -12.39
N LYS C 17 12.74 8.38 -13.31
CA LYS C 17 12.84 8.79 -14.70
C LYS C 17 11.55 8.56 -15.47
N GLU C 18 11.57 8.92 -16.76
CA GLU C 18 10.44 8.68 -17.65
C GLU C 18 10.58 7.33 -18.38
N VAL C 19 11.80 7.01 -18.81
CA VAL C 19 12.09 5.73 -19.45
C VAL C 19 12.57 4.74 -18.40
N CYS C 20 12.26 3.46 -18.60
CA CYS C 20 12.76 2.41 -17.73
C CYS C 20 14.27 2.34 -17.88
N PRO C 21 15.00 2.70 -16.81
CA PRO C 21 16.46 2.78 -16.88
C PRO C 21 17.07 1.39 -16.96
N VAL C 22 16.19 0.39 -16.91
CA VAL C 22 16.58 -1.00 -16.96
C VAL C 22 16.20 -1.59 -18.33
N CYS C 23 14.96 -2.04 -18.47
CA CYS C 23 14.50 -2.70 -19.71
C CYS C 23 14.32 -1.74 -20.90
N GLY C 24 13.81 -0.54 -20.64
CA GLY C 24 13.66 0.49 -21.67
C GLY C 24 12.23 0.77 -22.10
N GLU C 25 11.28 0.53 -21.20
CA GLU C 25 9.87 0.80 -21.46
C GLU C 25 9.49 2.19 -20.96
N LYS C 26 8.29 2.64 -21.31
CA LYS C 26 7.74 3.90 -20.81
C LYS C 26 7.28 3.69 -19.37
N THR C 27 7.61 4.62 -18.48
CA THR C 27 7.21 4.50 -17.06
C THR C 27 5.95 5.28 -16.75
N LYS C 28 5.14 4.73 -15.84
CA LYS C 28 3.88 5.34 -15.41
C LYS C 28 3.84 5.51 -13.89
N VAL C 29 2.98 6.41 -13.41
CA VAL C 29 2.86 6.72 -11.98
C VAL C 29 2.33 5.53 -11.19
N ALA C 30 2.95 5.29 -10.05
CA ALA C 30 2.61 4.16 -9.18
C ALA C 30 1.30 4.38 -8.40
N HIS C 31 1.12 5.60 -7.90
CA HIS C 31 -0.03 5.94 -7.08
C HIS C 31 -1.35 5.72 -7.81
N PRO C 32 -2.21 4.85 -7.25
CA PRO C 32 -3.49 4.49 -7.87
C PRO C 32 -4.42 5.70 -8.00
N PRO C 33 -5.35 5.66 -8.97
CA PRO C 33 -6.29 6.75 -9.21
C PRO C 33 -7.06 7.17 -7.96
N ARG C 34 -7.23 8.48 -7.80
CA ARG C 34 -7.95 9.05 -6.66
C ARG C 34 -9.44 8.72 -6.74
N PHE C 35 -10.04 8.42 -5.57
CA PHE C 35 -11.39 7.86 -5.53
C PHE C 35 -12.35 8.64 -4.64
N SER C 36 -13.61 8.69 -5.09
CA SER C 36 -14.69 9.38 -4.39
C SER C 36 -15.73 8.37 -3.89
N PRO C 37 -16.31 8.61 -2.70
CA PRO C 37 -17.38 7.75 -2.18
C PRO C 37 -18.65 7.84 -3.03
N GLU C 38 -18.71 8.87 -3.87
CA GLU C 38 -19.81 9.06 -4.80
C GLU C 38 -19.49 8.46 -6.16
N ASP C 39 -18.23 8.57 -6.56
CA ASP C 39 -17.74 8.11 -7.87
C ASP C 39 -18.68 8.60 -8.97
N PRO C 40 -18.61 9.90 -9.29
CA PRO C 40 -19.61 10.59 -10.11
C PRO C 40 -20.00 9.88 -11.41
N TYR C 41 -19.02 9.58 -12.25
CA TYR C 41 -19.29 9.10 -13.61
C TYR C 41 -19.08 7.59 -13.75
N GLY C 42 -19.12 6.89 -12.63
CA GLY C 42 -18.89 5.44 -12.58
C GLY C 42 -19.61 4.65 -13.65
N GLU C 43 -20.84 5.06 -13.95
CA GLU C 43 -21.66 4.45 -15.00
C GLU C 43 -20.93 4.42 -16.34
N TYR C 44 -20.29 5.53 -16.68
CA TYR C 44 -19.58 5.66 -17.95
C TYR C 44 -18.26 4.89 -17.98
N ARG C 45 -17.54 4.91 -16.86
CA ARG C 45 -16.27 4.20 -16.74
C ARG C 45 -16.46 2.69 -16.92
N ARG C 46 -17.61 2.21 -16.48
CA ARG C 46 -17.98 0.80 -16.62
C ARG C 46 -18.19 0.41 -18.08
N ARG C 47 -18.69 1.35 -18.88
CA ARG C 47 -18.95 1.11 -20.31
C ARG C 47 -17.67 0.96 -21.12
N TRP C 48 -16.63 1.69 -20.72
CA TRP C 48 -15.31 1.59 -21.32
C TRP C 48 -14.60 0.29 -20.92
N LYS C 49 -14.83 -0.14 -19.68
CA LYS C 49 -14.26 -1.37 -19.15
C LYS C 49 -14.93 -2.60 -19.76
N ARG C 50 -16.17 -2.44 -20.21
CA ARG C 50 -16.92 -3.51 -20.87
C ARG C 50 -16.35 -3.88 -22.23
N GLU C 51 -16.01 -2.87 -23.03
CA GLU C 51 -15.48 -3.07 -24.38
C GLU C 51 -14.09 -3.73 -24.36
N VAL C 52 -13.23 -3.26 -23.47
CA VAL C 52 -11.87 -3.78 -23.34
C VAL C 52 -11.88 -5.23 -22.84
N LEU C 53 -12.66 -5.49 -21.79
CA LEU C 53 -12.80 -6.84 -21.25
C LEU C 53 -13.68 -7.73 -22.13
N GLY C 54 -14.48 -7.12 -23.00
CA GLY C 54 -15.32 -7.83 -23.94
C GLY C 54 -16.60 -8.36 -23.31
N ILE C 55 -17.49 -7.45 -22.93
CA ILE C 55 -18.78 -7.81 -22.31
C ILE C 55 -19.95 -7.42 -23.22
N LYS D 4 -0.10 1.64 -27.74
CA LYS D 4 -1.00 2.79 -27.44
C LYS D 4 -2.14 2.40 -26.49
N PRO D 5 -2.40 3.24 -25.47
CA PRO D 5 -3.39 3.01 -24.40
C PRO D 5 -4.78 2.60 -24.88
N SER D 6 -5.56 2.03 -23.97
CA SER D 6 -6.83 1.38 -24.32
C SER D 6 -8.05 2.30 -24.47
N TYR D 7 -8.00 3.50 -23.89
CA TYR D 7 -9.11 4.45 -24.01
C TYR D 7 -9.15 5.14 -25.38
N VAL D 8 -8.01 5.11 -26.08
CA VAL D 8 -7.94 5.54 -27.47
C VAL D 8 -8.60 4.49 -28.33
N LYS D 9 -9.77 4.81 -28.89
CA LYS D 9 -10.53 3.84 -29.66
C LYS D 9 -10.20 3.85 -31.15
N PHE D 10 -9.51 4.89 -31.61
CA PHE D 10 -9.15 5.03 -33.03
C PHE D 10 -7.85 5.81 -33.26
N GLU D 11 -7.18 5.48 -34.36
CA GLU D 11 -5.90 6.11 -34.74
C GLU D 11 -6.08 7.55 -35.22
N VAL D 12 -5.15 8.42 -34.82
CA VAL D 12 -5.15 9.83 -35.22
C VAL D 12 -4.04 10.12 -36.22
N PRO D 13 -4.39 10.39 -37.49
CA PRO D 13 -3.41 10.86 -38.47
C PRO D 13 -2.70 12.13 -37.97
N LYS D 14 -1.39 12.22 -38.20
CA LYS D 14 -0.56 13.25 -37.58
C LYS D 14 -0.90 14.70 -37.97
N GLU D 15 -1.52 14.87 -39.14
CA GLU D 15 -1.92 16.20 -39.62
C GLU D 15 -3.17 16.70 -38.88
N LEU D 16 -4.11 15.79 -38.66
CA LEU D 16 -5.39 16.09 -38.04
C LEU D 16 -5.24 16.53 -36.59
N ALA D 17 -4.28 15.93 -35.90
CA ALA D 17 -3.98 16.28 -34.50
C ALA D 17 -3.50 17.72 -34.41
N GLU D 18 -2.69 18.14 -35.38
CA GLU D 18 -2.22 19.52 -35.46
C GLU D 18 -3.39 20.46 -35.75
N LYS D 19 -4.30 20.02 -36.60
CA LYS D 19 -5.53 20.75 -36.90
C LYS D 19 -6.35 20.97 -35.63
N ALA D 20 -6.41 19.95 -34.78
CA ALA D 20 -7.12 20.02 -33.51
C ALA D 20 -6.46 21.01 -32.56
N LEU D 21 -5.13 21.02 -32.56
CA LEU D 21 -4.37 22.00 -31.79
C LEU D 21 -4.61 23.39 -32.33
N GLN D 22 -4.65 23.52 -33.65
CA GLN D 22 -4.95 24.79 -34.32
C GLN D 22 -6.30 25.35 -33.88
N ALA D 23 -7.22 24.46 -33.53
CA ALA D 23 -8.56 24.87 -33.09
C ALA D 23 -8.49 25.60 -31.75
N VAL D 24 -7.95 24.93 -30.74
CA VAL D 24 -7.85 25.46 -29.39
C VAL D 24 -7.05 26.76 -29.35
N GLU D 25 -5.87 26.74 -29.99
CA GLU D 25 -5.00 27.92 -30.07
C GLU D 25 -5.77 29.17 -30.48
N ILE D 26 -6.54 29.06 -31.57
CA ILE D 26 -7.31 30.18 -32.10
C ILE D 26 -8.56 30.42 -31.25
N ALA D 27 -9.20 29.33 -30.82
CA ALA D 27 -10.40 29.41 -29.99
C ALA D 27 -10.19 30.28 -28.76
N ARG D 28 -9.00 30.20 -28.17
CA ARG D 28 -8.67 30.93 -26.95
C ARG D 28 -8.99 32.42 -27.04
N ASP D 29 -8.72 33.00 -28.21
CA ASP D 29 -8.81 34.45 -28.37
C ASP D 29 -10.15 34.93 -28.91
N THR D 30 -10.77 34.16 -29.79
CA THR D 30 -12.01 34.58 -30.46
C THR D 30 -13.27 34.04 -29.81
N GLY D 31 -13.20 32.82 -29.28
CA GLY D 31 -14.34 32.19 -28.63
C GLY D 31 -14.13 32.04 -27.14
N LYS D 32 -14.53 30.89 -26.60
CA LYS D 32 -14.29 30.54 -25.21
C LYS D 32 -14.06 29.03 -25.13
N ILE D 33 -13.31 28.60 -24.12
CA ILE D 33 -12.92 27.20 -23.98
C ILE D 33 -12.95 26.73 -22.53
N ARG D 34 -12.99 25.41 -22.35
CA ARG D 34 -12.96 24.81 -21.02
C ARG D 34 -11.70 23.97 -20.84
N LYS D 35 -10.83 24.44 -19.95
CA LYS D 35 -9.53 23.82 -19.72
C LYS D 35 -9.51 23.05 -18.41
N GLY D 36 -9.19 21.77 -18.49
CA GLY D 36 -9.14 20.91 -17.31
C GLY D 36 -10.18 19.82 -17.36
N THR D 37 -9.77 18.59 -17.05
CA THR D 37 -10.62 17.40 -17.13
C THR D 37 -11.95 17.57 -16.40
N ASN D 38 -11.89 17.95 -15.13
CA ASN D 38 -13.09 18.17 -14.33
C ASN D 38 -14.02 19.16 -15.04
N GLU D 39 -13.49 20.31 -15.45
CA GLU D 39 -14.25 21.31 -16.19
C GLU D 39 -14.79 20.76 -17.51
N THR D 40 -13.92 20.10 -18.26
CA THR D 40 -14.27 19.50 -19.55
C THR D 40 -15.51 18.63 -19.40
N THR D 41 -15.46 17.71 -18.44
CA THR D 41 -16.56 16.78 -18.19
C THR D 41 -17.84 17.55 -17.88
N LYS D 42 -17.72 18.57 -17.05
CA LYS D 42 -18.85 19.44 -16.73
C LYS D 42 -19.41 20.02 -18.01
N ALA D 43 -18.51 20.43 -18.91
CA ALA D 43 -18.90 21.02 -20.18
C ALA D 43 -19.62 20.04 -21.09
N VAL D 44 -19.39 18.74 -20.86
CA VAL D 44 -20.01 17.70 -21.67
C VAL D 44 -21.44 17.40 -21.22
N GLU D 45 -21.62 17.10 -19.93
CA GLU D 45 -22.93 16.68 -19.40
C GLU D 45 -24.00 17.78 -19.49
N ARG D 46 -23.57 19.02 -19.39
CA ARG D 46 -24.46 20.16 -19.54
C ARG D 46 -24.73 20.44 -21.02
N GLY D 47 -24.20 19.58 -21.89
CA GLY D 47 -24.38 19.69 -23.34
C GLY D 47 -23.76 20.93 -23.96
N GLN D 48 -23.03 21.69 -23.15
CA GLN D 48 -22.46 22.97 -23.53
C GLN D 48 -21.36 22.82 -24.57
N ALA D 49 -20.64 21.71 -24.52
CA ALA D 49 -19.51 21.44 -25.38
C ALA D 49 -19.87 21.45 -26.87
N LYS D 50 -18.85 21.56 -27.71
CA LYS D 50 -18.99 21.45 -29.17
C LYS D 50 -17.92 20.52 -29.75
N LEU D 51 -16.79 20.42 -29.06
CA LEU D 51 -15.73 19.50 -29.41
C LEU D 51 -14.87 19.18 -28.19
N VAL D 52 -14.56 17.90 -28.01
CA VAL D 52 -13.71 17.45 -26.90
C VAL D 52 -12.34 17.06 -27.43
N ILE D 53 -11.30 17.48 -26.71
CA ILE D 53 -9.91 17.23 -27.11
C ILE D 53 -9.14 16.61 -25.95
N ILE D 54 -8.91 15.30 -26.04
CA ILE D 54 -8.20 14.55 -25.01
C ILE D 54 -6.79 14.25 -25.48
N ALA D 55 -5.86 14.17 -24.53
CA ALA D 55 -4.47 13.83 -24.84
C ALA D 55 -4.23 12.32 -24.94
N GLU D 56 -3.23 11.94 -25.72
CA GLU D 56 -2.88 10.52 -25.91
C GLU D 56 -1.99 9.98 -24.78
N ASP D 57 -1.41 10.89 -24.00
CA ASP D 57 -0.41 10.52 -22.99
C ASP D 57 -0.89 10.76 -21.56
N VAL D 58 -2.11 10.34 -21.28
CA VAL D 58 -2.69 10.56 -19.95
C VAL D 58 -2.45 9.36 -19.02
N ASP D 59 -1.94 9.67 -17.82
CA ASP D 59 -1.62 8.68 -16.80
C ASP D 59 -2.10 9.13 -15.40
N PRO D 60 -2.84 8.27 -14.69
CA PRO D 60 -3.31 6.96 -15.12
C PRO D 60 -4.44 7.05 -16.14
N GLU D 61 -4.88 5.91 -16.68
CA GLU D 61 -5.93 5.88 -17.69
C GLU D 61 -7.31 6.35 -17.18
N GLU D 62 -7.58 6.13 -15.90
CA GLU D 62 -8.91 6.34 -15.31
C GLU D 62 -9.40 7.81 -15.27
N ILE D 63 -8.47 8.77 -15.27
CA ILE D 63 -8.82 10.18 -15.10
C ILE D 63 -9.72 10.74 -16.21
N VAL D 64 -9.49 10.30 -17.45
CA VAL D 64 -10.27 10.80 -18.58
C VAL D 64 -11.17 9.75 -19.19
N ALA D 65 -10.91 8.49 -18.85
CA ALA D 65 -11.58 7.33 -19.45
C ALA D 65 -13.07 7.53 -19.72
N HIS D 66 -13.76 8.18 -18.80
CA HIS D 66 -15.20 8.34 -18.87
C HIS D 66 -15.66 9.20 -20.05
N LEU D 67 -14.78 10.07 -20.53
CA LEU D 67 -15.15 11.01 -21.59
C LEU D 67 -15.63 10.33 -22.88
N PRO D 68 -14.79 9.50 -23.54
CA PRO D 68 -15.22 8.88 -24.81
C PRO D 68 -16.65 8.32 -24.83
N PRO D 69 -17.04 7.48 -23.84
CA PRO D 69 -18.43 7.00 -23.81
C PRO D 69 -19.47 8.08 -23.50
N LEU D 70 -19.07 9.11 -22.75
CA LEU D 70 -19.96 10.21 -22.42
C LEU D 70 -20.16 11.13 -23.62
N CYS D 71 -19.20 11.09 -24.54
CA CYS D 71 -19.24 11.89 -25.77
C CYS D 71 -20.23 11.31 -26.77
N GLU D 72 -20.25 9.99 -26.89
CA GLU D 72 -21.19 9.28 -27.76
C GLU D 72 -22.58 9.29 -27.15
N GLU D 73 -22.64 9.46 -25.84
CA GLU D 73 -23.89 9.60 -25.09
C GLU D 73 -24.62 10.86 -25.52
N LYS D 74 -23.96 12.01 -25.33
CA LYS D 74 -24.54 13.32 -25.66
C LYS D 74 -24.19 13.78 -27.08
N GLU D 75 -23.90 12.82 -27.95
CA GLU D 75 -23.70 13.04 -29.41
C GLU D 75 -22.42 13.76 -29.82
N ILE D 76 -21.71 14.36 -28.85
CA ILE D 76 -20.53 15.18 -29.11
C ILE D 76 -19.41 14.41 -29.79
N PRO D 77 -18.85 14.96 -30.90
CA PRO D 77 -17.62 14.44 -31.48
C PRO D 77 -16.40 14.78 -30.61
N TYR D 78 -15.45 13.85 -30.54
CA TYR D 78 -14.28 13.99 -29.68
C TYR D 78 -13.00 13.53 -30.38
N ILE D 79 -11.87 14.12 -29.99
CA ILE D 79 -10.59 13.86 -30.65
C ILE D 79 -9.43 13.70 -29.68
N TYR D 80 -8.44 12.89 -30.06
CA TYR D 80 -7.23 12.72 -29.29
C TYR D 80 -6.09 13.56 -29.87
N VAL D 81 -5.16 13.98 -29.01
CA VAL D 81 -3.95 14.68 -29.43
C VAL D 81 -2.73 14.09 -28.73
N PRO D 82 -1.55 14.11 -29.40
CA PRO D 82 -0.35 13.50 -28.86
C PRO D 82 -0.03 13.90 -27.41
N SER D 83 0.48 15.12 -27.23
CA SER D 83 1.02 15.50 -25.92
C SER D 83 0.00 16.13 -25.00
N LYS D 84 0.24 15.99 -23.70
CA LYS D 84 -0.51 16.69 -22.68
C LYS D 84 0.18 18.00 -22.33
N LYS D 85 1.51 17.99 -22.32
CA LYS D 85 2.30 19.18 -22.08
C LYS D 85 2.08 20.17 -23.22
N GLU D 86 1.88 19.65 -24.41
CA GLU D 86 1.62 20.46 -25.60
C GLU D 86 0.18 20.99 -25.61
N LEU D 87 -0.74 20.24 -25.02
CA LEU D 87 -2.15 20.64 -24.95
C LEU D 87 -2.33 21.88 -24.09
N GLY D 88 -1.63 21.93 -22.97
CA GLY D 88 -1.68 23.07 -22.06
C GLY D 88 -1.19 24.36 -22.68
N ALA D 89 -0.03 24.30 -23.32
CA ALA D 89 0.58 25.47 -23.97
C ALA D 89 -0.30 26.05 -25.09
N ALA D 90 -1.00 25.15 -25.79
CA ALA D 90 -1.93 25.55 -26.84
C ALA D 90 -3.22 26.13 -26.25
N ALA D 91 -3.52 25.73 -25.00
CA ALA D 91 -4.66 26.25 -24.27
C ALA D 91 -4.28 27.48 -23.46
N GLY D 92 -2.98 27.73 -23.35
CA GLY D 92 -2.46 28.95 -22.74
C GLY D 92 -2.26 28.88 -21.24
N ILE D 93 -1.54 27.86 -20.78
CA ILE D 93 -1.16 27.72 -19.38
C ILE D 93 0.28 27.21 -19.22
N GLU D 94 0.88 27.44 -18.05
CA GLU D 94 2.21 26.93 -17.72
C GLU D 94 2.28 25.40 -17.83
N VAL D 95 1.38 24.73 -17.12
CA VAL D 95 1.40 23.27 -17.01
C VAL D 95 0.47 22.56 -18.01
N ALA D 96 0.30 21.26 -17.81
CA ALA D 96 -0.41 20.42 -18.76
C ALA D 96 -1.91 20.34 -18.50
N ALA D 97 -2.64 20.07 -19.57
CA ALA D 97 -4.06 19.77 -19.49
C ALA D 97 -4.28 18.43 -20.16
N ALA D 98 -5.09 17.58 -19.55
CA ALA D 98 -5.35 16.25 -20.09
C ALA D 98 -6.43 16.28 -21.15
N SER D 99 -7.43 17.13 -20.91
CA SER D 99 -8.58 17.22 -21.80
C SER D 99 -9.15 18.63 -21.83
N VAL D 100 -9.47 19.10 -23.03
CA VAL D 100 -10.02 20.42 -23.24
C VAL D 100 -11.28 20.31 -24.09
N ALA D 101 -12.25 21.17 -23.82
CA ALA D 101 -13.46 21.25 -24.63
C ALA D 101 -13.74 22.69 -25.07
N ILE D 102 -14.26 22.83 -26.29
CA ILE D 102 -14.58 24.14 -26.84
C ILE D 102 -16.08 24.38 -26.80
N ILE D 103 -16.47 25.53 -26.26
CA ILE D 103 -17.86 25.99 -26.32
C ILE D 103 -18.02 26.82 -27.58
N GLU D 104 -17.43 28.01 -27.56
CA GLU D 104 -17.55 28.96 -28.65
C GLU D 104 -16.39 28.80 -29.60
N PRO D 105 -16.70 28.45 -30.87
CA PRO D 105 -15.71 28.21 -31.91
C PRO D 105 -14.93 29.46 -32.30
N GLY D 106 -15.52 30.63 -32.07
CA GLY D 106 -14.93 31.90 -32.49
C GLY D 106 -14.77 31.94 -33.99
N LYS D 107 -13.57 32.30 -34.45
CA LYS D 107 -13.29 32.31 -35.88
C LYS D 107 -13.08 30.89 -36.41
N ALA D 108 -12.73 29.98 -35.51
CA ALA D 108 -12.38 28.61 -35.89
C ALA D 108 -13.57 27.75 -36.34
N ARG D 109 -14.72 28.39 -36.55
CA ARG D 109 -15.96 27.74 -36.97
C ARG D 109 -15.73 26.63 -38.00
N ASP D 110 -15.24 27.02 -39.18
CA ASP D 110 -15.02 26.08 -40.29
C ASP D 110 -13.98 25.02 -39.99
N LEU D 111 -12.91 25.42 -39.31
CA LEU D 111 -11.84 24.50 -38.92
C LEU D 111 -12.39 23.43 -37.97
N VAL D 112 -13.29 23.84 -37.10
CA VAL D 112 -13.95 22.94 -36.16
C VAL D 112 -14.92 22.01 -36.87
N GLU D 113 -15.77 22.59 -37.72
CA GLU D 113 -16.77 21.84 -38.47
C GLU D 113 -16.16 20.79 -39.41
N GLU D 114 -14.94 21.05 -39.87
CA GLU D 114 -14.22 20.11 -40.74
C GLU D 114 -13.67 18.92 -39.95
N ILE D 115 -13.13 19.19 -38.77
CA ILE D 115 -12.65 18.15 -37.86
C ILE D 115 -13.80 17.22 -37.47
N ALA D 116 -14.97 17.81 -37.27
CA ALA D 116 -16.19 17.08 -36.92
C ALA D 116 -16.58 16.03 -37.98
N MET D 117 -16.33 16.33 -39.25
CA MET D 117 -16.70 15.43 -40.33
C MET D 117 -15.68 14.31 -40.58
N LYS D 118 -14.41 14.59 -40.30
CA LYS D 118 -13.37 13.58 -40.48
C LYS D 118 -13.30 12.59 -39.32
N VAL D 119 -13.95 12.93 -38.21
CA VAL D 119 -14.03 11.99 -37.08
C VAL D 119 -15.20 11.02 -37.22
N LYS D 120 -16.16 11.36 -38.09
CA LYS D 120 -17.29 10.48 -38.42
C LYS D 120 -16.83 9.17 -39.07
N GLU D 121 -15.97 9.29 -40.08
CA GLU D 121 -15.47 8.14 -40.83
C GLU D 121 -14.51 7.28 -40.01
N LEU D 122 -13.73 7.91 -39.14
CA LEU D 122 -12.78 7.20 -38.29
C LEU D 122 -13.45 6.44 -37.15
N MET D 123 -14.71 6.76 -36.89
CA MET D 123 -15.50 6.02 -35.91
C MET D 123 -15.96 4.68 -36.50
N LYS D 124 -17.06 4.70 -37.26
CA LYS D 124 -17.61 3.48 -37.86
C LYS D 124 -17.09 3.26 -39.28
N1 FHU F 7 5.23 5.63 9.53
C2 FHU F 7 4.45 6.72 9.59
N3 FHU F 7 3.16 6.55 9.31
C4 FHU F 7 2.71 5.34 9.01
C5 FHU F 7 3.24 4.18 9.84
C6 FHU F 7 4.77 4.30 9.92
O2 FHU F 7 4.89 7.80 9.91
O4 FHU F 7 1.92 5.13 8.10
C1' FHU F 7 2.67 4.18 11.27
C2' FHU F 7 1.19 4.57 11.39
O2' FHU F 7 1.10 5.90 11.89
C3' FHU F 7 0.58 3.52 12.31
C4' FHU F 7 1.51 2.32 12.18
O3' FHU F 7 0.54 3.95 13.67
O4' FHU F 7 2.81 2.87 11.81
C5' FHU F 7 1.11 1.26 11.16
O5' FHU F 7 1.78 0.03 11.40
P FHU F 7 1.00 -1.36 11.26
OP1 FHU F 7 0.16 -1.35 10.05
OP2 FHU F 7 1.96 -2.47 11.49
F5 FHU F 7 2.93 3.05 9.24
O6 FHU F 7 5.38 3.30 9.10
ZN ZN G . 11.17 -2.15 -17.04
#